data_3OXH
#
_entry.id   3OXH
#
_cell.length_a   81.597
_cell.length_b   81.981
_cell.length_c   36.037
_cell.angle_alpha   90.00
_cell.angle_beta   90.00
_cell.angle_gamma   90.00
#
_symmetry.space_group_name_H-M   'P 21 21 2'
#
loop_
_entity.id
_entity.type
_entity.pdbx_description
1 polymer 'RV0577 PROTEIN'
2 non-polymer 'CHLORIDE ION'
3 non-polymer 'PARA-MERCURY-BENZENESULFONIC ACID'
4 non-polymer Xylitol
5 water water
#
_entity_poly.entity_id   1
_entity_poly.type   'polypeptide(L)'
_entity_poly.pdbx_seq_one_letter_code
;MGSSHHHHHHSSGLVPRGSHMMPKRSEYRQGTPNWVDLQTTDQSAAKKFYTSLFGWGYDDNPVPGGGGVYSMATLNGEAV
AAIAPMPPGAPEGMPPIWNTYIAVDDVDAVVDKVVPGGGQVMMPAFDIGDAGRMSFITDPTGAAVGLWQANRHIGATLVN
ETGTLIWNELLTDKPDLALAFYEAVVGLTHSSMEIAAGQNYRVLKAGDAEVGGCMEPPMPGVPNHWHVYFAVDDADATAA
KAAAAGGQVIAEPADIPSVGRFAVLSDPQGAIFSVLKAAPQQ
;
_entity_poly.pdbx_strand_id   A
#
# COMPACT_ATOMS: atom_id res chain seq x y z
N HIS A 8 12.52 2.88 -6.97
CA HIS A 8 11.61 3.60 -6.04
C HIS A 8 11.79 5.12 -6.15
N HIS A 9 10.70 5.87 -6.08
CA HIS A 9 10.75 7.32 -6.38
C HIS A 9 11.62 8.13 -5.40
N HIS A 10 11.71 7.68 -4.16
CA HIS A 10 12.55 8.34 -3.17
C HIS A 10 14.05 8.22 -3.49
N SER A 11 14.38 7.50 -4.56
CA SER A 11 15.77 7.30 -4.96
C SER A 11 16.41 8.59 -5.47
N GLY A 18 -16.20 2.96 23.12
CA GLY A 18 -15.43 3.64 22.07
C GLY A 18 -15.20 2.78 20.84
N SER A 19 -15.72 1.56 20.87
CA SER A 19 -15.52 0.57 19.79
C SER A 19 -16.03 1.03 18.41
N HIS A 20 -16.97 1.96 18.39
CA HIS A 20 -17.66 2.42 17.17
C HIS A 20 -17.02 3.69 16.54
N MET A 21 -15.88 4.11 17.04
CA MET A 21 -15.32 5.37 16.62
C MET A 21 -14.79 5.31 15.20
N MET A 22 -14.63 6.47 14.60
CA MET A 22 -14.10 6.51 13.26
C MET A 22 -12.65 6.05 13.24
N PRO A 23 -12.25 5.33 12.17
CA PRO A 23 -10.90 4.78 12.10
C PRO A 23 -9.81 5.80 11.82
N LYS A 24 -9.72 6.85 12.64
CA LYS A 24 -8.57 7.75 12.59
C LYS A 24 -7.38 6.99 13.17
N ARG A 25 -6.18 7.31 12.70
CA ARG A 25 -4.95 6.70 13.23
C ARG A 25 -3.98 7.81 13.60
N SER A 26 -3.34 7.69 14.76
CA SER A 26 -2.35 8.68 15.17
C SER A 26 -1.02 8.04 15.47
N GLU A 27 -0.95 6.72 15.32
CA GLU A 27 0.21 5.94 15.68
C GLU A 27 0.13 4.59 14.98
N TYR A 28 1.29 4.04 14.65
CA TYR A 28 1.37 2.72 14.02
C TYR A 28 2.36 1.84 14.76
N ARG A 29 1.88 0.69 15.23
CA ARG A 29 2.73 -0.34 15.83
C ARG A 29 3.63 -0.93 14.77
N GLN A 30 4.88 -1.25 15.14
CA GLN A 30 5.78 -1.83 14.17
C GLN A 30 5.17 -3.10 13.55
N GLY A 31 5.30 -3.18 12.24
CA GLY A 31 4.79 -4.31 11.45
C GLY A 31 3.53 -3.93 10.72
N THR A 32 2.88 -2.85 11.14
CA THR A 32 1.61 -2.44 10.57
C THR A 32 1.82 -1.65 9.26
N PRO A 33 1.21 -2.09 8.15
CA PRO A 33 1.28 -1.22 6.98
C PRO A 33 0.69 0.15 7.29
N ASN A 34 1.47 1.18 7.06
CA ASN A 34 1.13 2.52 7.52
C ASN A 34 0.82 3.51 6.42
N TRP A 35 1.21 3.21 5.19
CA TRP A 35 1.16 4.20 4.14
C TRP A 35 1.23 3.53 2.81
N VAL A 36 0.54 4.13 1.84
CA VAL A 36 0.74 3.79 0.43
C VAL A 36 0.95 5.07 -0.37
N ASP A 37 1.85 5.00 -1.34
CA ASP A 37 1.96 6.09 -2.30
C ASP A 37 2.14 5.58 -3.73
N LEU A 38 1.79 6.44 -4.66
CA LEU A 38 1.81 6.16 -6.09
C LEU A 38 2.93 6.94 -6.72
N GLN A 39 3.84 6.28 -7.41
CA GLN A 39 4.80 7.00 -8.23
C GLN A 39 4.33 6.83 -9.68
N THR A 40 4.24 7.95 -10.39
CA THR A 40 3.56 7.96 -11.67
C THR A 40 4.16 8.94 -12.67
N THR A 41 3.85 8.67 -13.94
CA THR A 41 4.36 9.42 -15.06
C THR A 41 3.59 10.72 -15.30
N ASP A 42 2.42 10.84 -14.67
CA ASP A 42 1.55 11.99 -14.86
C ASP A 42 0.79 12.27 -13.58
N GLN A 43 1.37 13.10 -12.70
CA GLN A 43 0.78 13.36 -11.39
C GLN A 43 -0.55 14.07 -11.50
N SER A 44 -0.60 15.05 -12.40
CA SER A 44 -1.83 15.83 -12.62
C SER A 44 -2.96 14.92 -13.01
N ALA A 45 -2.68 14.01 -13.94
CA ALA A 45 -3.72 13.14 -14.47
C ALA A 45 -4.13 12.12 -13.43
N ALA A 46 -3.15 11.63 -12.66
CA ALA A 46 -3.45 10.67 -11.62
C ALA A 46 -4.34 11.32 -10.59
N LYS A 47 -4.03 12.56 -10.19
CA LYS A 47 -4.87 13.31 -9.26
C LYS A 47 -6.34 13.28 -9.66
N LYS A 48 -6.61 13.58 -10.92
CA LYS A 48 -7.99 13.66 -11.39
C LYS A 48 -8.68 12.31 -11.33
N PHE A 49 -7.97 11.27 -11.73
CA PHE A 49 -8.50 9.91 -11.71
C PHE A 49 -8.88 9.48 -10.30
N TYR A 50 -7.98 9.65 -9.33
CA TYR A 50 -8.25 9.19 -7.96
C TYR A 50 -9.28 10.07 -7.28
N THR A 51 -9.37 11.34 -7.67
CA THR A 51 -10.49 12.17 -7.28
C THR A 51 -11.82 11.60 -7.81
N SER A 52 -11.85 11.20 -9.08
N SER A 52 -11.85 11.21 -9.08
CA SER A 52 -13.03 10.59 -9.68
CA SER A 52 -13.06 10.59 -9.64
C SER A 52 -13.51 9.36 -8.89
C SER A 52 -13.50 9.41 -8.77
N LEU A 53 -12.59 8.49 -8.50
CA LEU A 53 -12.95 7.28 -7.77
C LEU A 53 -13.19 7.46 -6.29
N PHE A 54 -12.36 8.27 -5.63
CA PHE A 54 -12.32 8.31 -4.16
C PHE A 54 -12.61 9.69 -3.52
N GLY A 55 -12.67 10.74 -4.33
CA GLY A 55 -13.04 12.07 -3.85
C GLY A 55 -11.90 12.83 -3.19
N TRP A 56 -10.67 12.35 -3.37
CA TRP A 56 -9.48 12.95 -2.77
C TRP A 56 -9.29 14.40 -3.21
N GLY A 57 -8.87 15.23 -2.28
CA GLY A 57 -8.24 16.53 -2.57
C GLY A 57 -6.75 16.33 -2.40
N TYR A 58 -5.95 17.38 -2.64
CA TYR A 58 -4.50 17.26 -2.50
C TYR A 58 -3.83 18.45 -1.84
N ASP A 59 -2.79 18.17 -1.06
CA ASP A 59 -1.88 19.21 -0.56
C ASP A 59 -0.50 18.97 -1.15
N ASP A 60 -0.08 19.85 -2.05
CA ASP A 60 1.22 19.72 -2.72
C ASP A 60 2.35 20.21 -1.83
N ASN A 61 3.37 19.39 -1.64
CA ASN A 61 4.53 19.74 -0.80
C ASN A 61 5.82 19.55 -1.58
N PRO A 62 6.67 20.57 -1.60
CA PRO A 62 7.95 20.46 -2.31
C PRO A 62 8.91 19.45 -1.69
N GLY A 68 10.83 18.26 -7.24
CA GLY A 68 9.44 17.96 -7.56
C GLY A 68 8.53 18.17 -6.37
N VAL A 69 7.28 17.70 -6.51
CA VAL A 69 6.22 17.95 -5.53
C VAL A 69 5.62 16.62 -5.11
N TYR A 70 5.46 16.41 -3.80
CA TYR A 70 4.78 15.24 -3.23
C TYR A 70 3.34 15.64 -2.91
N SER A 71 2.39 15.06 -3.62
CA SER A 71 1.01 15.48 -3.51
C SER A 71 0.27 14.59 -2.49
N MET A 72 0.03 15.12 -1.30
CA MET A 72 -0.65 14.39 -0.22
C MET A 72 -2.14 14.34 -0.49
N ALA A 73 -2.68 13.15 -0.66
CA ALA A 73 -4.10 12.95 -0.93
C ALA A 73 -4.84 13.05 0.40
N THR A 74 -5.91 13.83 0.40
CA THR A 74 -6.67 14.09 1.59
C THR A 74 -8.15 13.82 1.37
N LEU A 75 -8.81 13.39 2.44
CA LEU A 75 -10.23 13.13 2.43
C LEU A 75 -10.72 13.47 3.83
N ASN A 76 -11.74 14.31 3.91
CA ASN A 76 -12.30 14.74 5.19
C ASN A 76 -11.24 15.23 6.17
N GLY A 77 -10.34 16.09 5.69
CA GLY A 77 -9.26 16.63 6.50
C GLY A 77 -8.15 15.69 6.96
N GLU A 78 -8.04 14.50 6.35
CA GLU A 78 -7.08 13.48 6.79
C GLU A 78 -6.19 13.03 5.63
N ALA A 79 -4.96 12.67 5.94
CA ALA A 79 -4.00 12.17 4.97
C ALA A 79 -4.28 10.70 4.73
N VAL A 80 -4.52 10.33 3.47
CA VAL A 80 -4.90 8.97 3.16
C VAL A 80 -3.91 8.23 2.26
N ALA A 81 -3.19 8.98 1.44
CA ALA A 81 -2.18 8.42 0.53
C ALA A 81 -1.42 9.60 -0.10
N ALA A 82 -0.52 9.33 -1.04
CA ALA A 82 0.12 10.40 -1.81
C ALA A 82 0.41 9.95 -3.23
N ILE A 83 0.64 10.96 -4.08
CA ILE A 83 0.98 10.77 -5.48
C ILE A 83 2.28 11.51 -5.73
N ALA A 84 3.28 10.79 -6.23
CA ALA A 84 4.63 11.30 -6.40
C ALA A 84 5.03 11.19 -7.87
N PRO A 85 6.00 12.02 -8.30
CA PRO A 85 6.44 11.91 -9.69
C PRO A 85 7.48 10.82 -9.79
N MET A 86 7.78 10.37 -11.01
CA MET A 86 8.82 9.37 -11.17
C MET A 86 10.18 10.03 -10.92
N PRO A 87 11.19 9.23 -10.56
CA PRO A 87 12.57 9.67 -10.62
C PRO A 87 13.09 9.52 -12.06
N PRO A 88 14.35 9.92 -12.35
CA PRO A 88 14.95 9.54 -13.64
C PRO A 88 14.89 8.03 -13.95
N GLY A 89 15.21 7.66 -15.19
CA GLY A 89 15.17 6.27 -15.64
C GLY A 89 13.89 5.92 -16.39
N ALA A 90 14.03 5.47 -17.64
CA ALA A 90 12.89 5.11 -18.51
C ALA A 90 12.13 6.33 -19.00
N MET A 94 8.88 3.74 -17.57
CA MET A 94 8.59 2.89 -16.41
C MET A 94 7.11 2.80 -16.07
N PRO A 95 6.64 1.60 -15.69
CA PRO A 95 5.26 1.49 -15.27
C PRO A 95 5.03 2.16 -13.90
N PRO A 96 3.99 2.99 -13.78
CA PRO A 96 3.65 3.56 -12.47
C PRO A 96 3.30 2.46 -11.49
N ILE A 97 3.52 2.70 -10.21
CA ILE A 97 3.30 1.65 -9.22
C ILE A 97 2.83 2.23 -7.90
N TRP A 98 1.93 1.49 -7.25
CA TRP A 98 1.53 1.76 -5.89
C TRP A 98 2.50 1.05 -4.93
N ASN A 99 3.15 1.87 -4.12
CA ASN A 99 4.12 1.45 -3.10
C ASN A 99 3.43 1.27 -1.76
N THR A 100 3.92 0.31 -0.98
CA THR A 100 3.47 0.05 0.39
C THR A 100 4.62 0.26 1.37
N TYR A 101 4.30 0.80 2.54
CA TYR A 101 5.25 1.00 3.62
C TYR A 101 4.74 0.31 4.88
N ILE A 102 5.67 -0.23 5.65
CA ILE A 102 5.38 -0.86 6.94
C ILE A 102 6.08 -0.03 8.02
N ALA A 103 5.34 0.31 9.07
CA ALA A 103 5.88 1.07 10.19
C ALA A 103 6.97 0.29 10.93
N VAL A 104 8.09 0.95 11.25
CA VAL A 104 9.11 0.39 12.13
C VAL A 104 9.59 1.43 13.16
N ASP A 105 10.01 0.95 14.33
CA ASP A 105 10.53 1.81 15.41
C ASP A 105 11.94 2.33 15.11
N ASP A 106 12.78 1.46 14.58
CA ASP A 106 14.19 1.78 14.32
C ASP A 106 14.56 1.15 12.99
N VAL A 107 14.42 1.93 11.92
CA VAL A 107 14.65 1.42 10.56
C VAL A 107 16.08 0.91 10.36
N ASP A 108 17.07 1.61 10.91
CA ASP A 108 18.46 1.14 10.85
C ASP A 108 18.61 -0.28 11.42
N ALA A 109 17.97 -0.53 12.56
CA ALA A 109 18.06 -1.83 13.22
C ALA A 109 17.39 -2.93 12.39
N VAL A 110 16.24 -2.58 11.81
CA VAL A 110 15.48 -3.51 10.98
C VAL A 110 16.26 -3.84 9.71
N VAL A 111 16.85 -2.82 9.09
CA VAL A 111 17.60 -2.99 7.87
C VAL A 111 18.75 -3.98 8.07
N ASP A 112 19.35 -3.92 9.25
CA ASP A 112 20.46 -4.81 9.62
C ASP A 112 20.09 -6.30 9.60
N LYS A 113 18.80 -6.60 9.66
CA LYS A 113 18.28 -7.98 9.65
C LYS A 113 17.88 -8.46 8.27
N VAL A 114 17.85 -7.54 7.31
CA VAL A 114 17.31 -7.90 5.99
C VAL A 114 18.17 -8.91 5.24
N VAL A 115 19.45 -8.62 5.06
CA VAL A 115 20.29 -9.53 4.29
C VAL A 115 20.50 -10.89 4.99
N PRO A 116 20.78 -10.88 6.31
CA PRO A 116 20.79 -12.14 7.05
C PRO A 116 19.49 -12.96 6.90
N GLY A 117 18.36 -12.26 6.84
CA GLY A 117 17.05 -12.89 6.61
C GLY A 117 16.75 -13.32 5.18
N GLY A 118 17.65 -13.02 4.25
CA GLY A 118 17.55 -13.51 2.88
C GLY A 118 16.92 -12.53 1.90
N GLY A 119 16.68 -11.31 2.36
CA GLY A 119 16.15 -10.25 1.51
C GLY A 119 17.24 -9.33 0.98
N GLN A 120 16.84 -8.22 0.39
CA GLN A 120 17.77 -7.27 -0.23
C GLN A 120 17.39 -5.87 0.22
N VAL A 121 18.39 -5.02 0.39
CA VAL A 121 18.12 -3.63 0.74
C VAL A 121 18.29 -2.86 -0.57
N MET A 122 17.18 -2.59 -1.24
CA MET A 122 17.22 -1.94 -2.57
C MET A 122 17.67 -0.50 -2.47
N MET A 123 17.10 0.19 -1.50
CA MET A 123 17.45 1.56 -1.20
C MET A 123 17.84 1.65 0.25
N PRO A 124 19.13 1.98 0.52
CA PRO A 124 19.56 2.13 1.90
C PRO A 124 18.78 3.19 2.66
N ALA A 125 18.76 3.06 3.98
CA ALA A 125 18.04 3.97 4.85
C ALA A 125 18.51 5.41 4.68
N PHE A 126 17.55 6.31 4.54
CA PHE A 126 17.85 7.73 4.56
C PHE A 126 16.67 8.56 5.03
N ASP A 127 16.98 9.79 5.42
CA ASP A 127 16.04 10.73 5.94
C ASP A 127 15.29 11.42 4.80
N ILE A 128 13.97 11.48 4.92
CA ILE A 128 13.13 12.16 3.95
C ILE A 128 12.71 13.47 4.60
N GLY A 129 13.47 14.55 4.36
CA GLY A 129 13.20 15.82 5.04
C GLY A 129 13.11 15.57 6.53
N ASP A 130 12.09 16.15 7.16
CA ASP A 130 11.71 15.79 8.52
C ASP A 130 10.45 14.91 8.59
N ALA A 131 10.06 14.33 7.47
CA ALA A 131 8.90 13.44 7.43
C ALA A 131 9.16 12.13 8.18
N GLY A 132 10.37 11.62 8.01
CA GLY A 132 10.77 10.37 8.63
C GLY A 132 11.99 9.80 7.95
N ARG A 133 12.29 8.55 8.28
CA ARG A 133 13.44 7.85 7.75
C ARG A 133 12.94 6.56 7.15
N MET A 134 13.43 6.22 5.96
CA MET A 134 12.94 5.02 5.29
C MET A 134 14.00 4.26 4.55
N SER A 135 13.71 2.99 4.30
CA SER A 135 14.53 2.14 3.45
C SER A 135 13.53 1.40 2.55
N PHE A 136 13.97 1.01 1.36
CA PHE A 136 13.13 0.20 0.48
C PHE A 136 13.80 -1.18 0.32
N ILE A 137 13.07 -2.23 0.68
CA ILE A 137 13.62 -3.59 0.67
C ILE A 137 12.81 -4.54 -0.17
N THR A 138 13.42 -5.69 -0.47
CA THR A 138 12.68 -6.83 -0.99
C THR A 138 12.80 -8.00 -0.05
N ASP A 139 11.71 -8.76 0.07
CA ASP A 139 11.76 -9.99 0.83
C ASP A 139 12.44 -11.08 -0.02
N PRO A 140 12.66 -12.29 0.56
CA PRO A 140 13.36 -13.32 -0.20
C PRO A 140 12.66 -13.79 -1.49
N THR A 141 11.38 -13.47 -1.66
CA THR A 141 10.59 -13.84 -2.84
C THR A 141 10.57 -12.70 -3.86
N GLY A 142 11.19 -11.58 -3.52
CA GLY A 142 11.35 -10.46 -4.44
C GLY A 142 10.27 -9.38 -4.33
N ALA A 143 9.34 -9.50 -3.36
CA ALA A 143 8.30 -8.48 -3.16
C ALA A 143 8.91 -7.28 -2.46
N ALA A 144 8.64 -6.08 -2.98
CA ALA A 144 9.27 -4.85 -2.49
C ALA A 144 8.33 -4.14 -1.55
N VAL A 145 8.91 -3.56 -0.51
CA VAL A 145 8.14 -2.81 0.46
C VAL A 145 9.04 -1.79 1.14
N GLY A 146 8.43 -0.68 1.56
CA GLY A 146 9.14 0.34 2.29
C GLY A 146 9.09 0.06 3.80
N LEU A 147 10.12 0.51 4.48
CA LEU A 147 10.17 0.48 5.94
C LEU A 147 10.19 1.92 6.38
N TRP A 148 9.20 2.32 7.17
CA TRP A 148 9.01 3.72 7.51
C TRP A 148 9.15 3.98 9.01
N GLN A 149 10.16 4.77 9.37
CA GLN A 149 10.31 5.25 10.75
C GLN A 149 9.82 6.70 10.81
N ALA A 150 8.66 6.90 11.41
CA ALA A 150 8.02 8.22 11.44
C ALA A 150 8.83 9.29 12.18
N ASN A 151 8.83 10.49 11.61
CA ASN A 151 9.22 11.69 12.35
C ASN A 151 7.98 12.58 12.33
N ARG A 152 7.88 13.55 11.43
CA ARG A 152 6.67 14.35 11.29
C ARG A 152 5.49 13.59 10.66
N HIS A 153 5.77 12.71 9.71
CA HIS A 153 4.72 12.00 8.96
C HIS A 153 4.61 10.58 9.51
N ILE A 154 3.43 10.19 9.99
CA ILE A 154 3.24 8.86 10.54
C ILE A 154 2.77 7.85 9.51
N GLY A 155 2.17 8.35 8.44
CA GLY A 155 1.36 7.52 7.56
C GLY A 155 -0.04 8.08 7.46
N ALA A 156 -0.98 7.20 7.15
CA ALA A 156 -2.38 7.56 6.94
C ALA A 156 -3.01 7.90 8.27
N THR A 157 -3.77 9.00 8.32
CA THR A 157 -4.45 9.37 9.55
C THR A 157 -5.91 8.95 9.52
N LEU A 158 -6.34 8.41 8.38
CA LEU A 158 -7.65 7.79 8.24
C LEU A 158 -7.49 6.56 7.35
N VAL A 159 -8.07 5.44 7.77
CA VAL A 159 -8.05 4.18 7.04
C VAL A 159 -9.42 3.52 7.11
N ASN A 160 -9.58 2.44 6.34
CA ASN A 160 -10.79 1.61 6.32
C ASN A 160 -12.09 2.24 5.75
N GLU A 161 -12.32 3.53 6.01
CA GLU A 161 -13.49 4.21 5.46
C GLU A 161 -13.45 4.26 3.95
N THR A 162 -14.62 4.43 3.34
CA THR A 162 -14.72 4.60 1.90
C THR A 162 -13.71 5.64 1.41
N GLY A 163 -12.99 5.32 0.34
CA GLY A 163 -12.01 6.19 -0.27
C GLY A 163 -10.61 6.12 0.33
N THR A 164 -10.40 5.25 1.32
CA THR A 164 -9.11 5.18 2.03
C THR A 164 -8.54 3.77 1.98
N LEU A 165 -7.30 3.62 2.42
CA LEU A 165 -6.63 2.33 2.44
C LEU A 165 -7.35 1.37 3.37
N ILE A 166 -7.77 0.21 2.83
CA ILE A 166 -8.46 -0.81 3.63
C ILE A 166 -7.69 -2.12 3.82
N TRP A 167 -6.84 -2.50 2.88
CA TRP A 167 -6.12 -3.77 3.02
C TRP A 167 -4.83 -3.75 2.25
N ASN A 168 -3.81 -4.39 2.86
CA ASN A 168 -2.53 -4.61 2.23
C ASN A 168 -2.30 -6.08 2.18
N GLU A 169 -2.02 -6.59 0.98
CA GLU A 169 -1.96 -8.03 0.78
C GLU A 169 -0.71 -8.42 0.02
N LEU A 170 0.12 -9.24 0.67
CA LEU A 170 1.30 -9.76 0.04
C LEU A 170 0.94 -10.92 -0.86
N LEU A 171 1.10 -10.71 -2.16
CA LEU A 171 0.87 -11.74 -3.15
C LEU A 171 2.20 -12.33 -3.52
N THR A 172 2.42 -13.57 -3.12
CA THR A 172 3.72 -14.18 -3.35
C THR A 172 3.59 -15.67 -3.62
N ASP A 173 4.47 -16.21 -4.46
CA ASP A 173 4.43 -17.65 -4.74
C ASP A 173 5.01 -18.52 -3.64
N LYS A 174 5.60 -17.89 -2.62
CA LYS A 174 6.16 -18.65 -1.49
C LYS A 174 5.79 -17.93 -0.20
N PRO A 175 4.51 -18.01 0.19
CA PRO A 175 4.02 -17.37 1.41
C PRO A 175 4.79 -17.67 2.70
N ASP A 176 5.05 -18.94 3.03
CA ASP A 176 5.74 -19.24 4.28
C ASP A 176 7.16 -18.69 4.29
N LEU A 177 7.87 -18.78 3.17
CA LEU A 177 9.24 -18.25 3.08
C LEU A 177 9.20 -16.74 3.27
N ALA A 178 8.26 -16.10 2.61
CA ALA A 178 8.13 -14.64 2.75
C ALA A 178 7.82 -14.28 4.17
N LEU A 179 6.84 -14.96 4.74
CA LEU A 179 6.36 -14.59 6.07
C LEU A 179 7.35 -14.90 7.19
N ALA A 180 8.21 -15.90 6.99
CA ALA A 180 9.29 -16.17 7.96
C ALA A 180 10.23 -14.96 8.03
N PHE A 181 10.47 -14.35 6.86
CA PHE A 181 11.29 -13.13 6.74
C PHE A 181 10.67 -11.93 7.48
N TYR A 182 9.38 -11.66 7.29
CA TYR A 182 8.73 -10.56 8.01
C TYR A 182 8.71 -10.80 9.53
N GLU A 183 8.56 -12.04 9.95
CA GLU A 183 8.67 -12.35 11.37
C GLU A 183 10.08 -12.02 11.87
N ALA A 184 11.09 -12.50 11.16
CA ALA A 184 12.46 -12.25 11.60
C ALA A 184 12.84 -10.76 11.62
N VAL A 185 12.33 -9.98 10.67
CA VAL A 185 12.81 -8.61 10.49
C VAL A 185 11.94 -7.55 11.15
N VAL A 186 10.62 -7.69 11.09
CA VAL A 186 9.74 -6.73 11.78
C VAL A 186 8.84 -7.33 12.86
N GLY A 187 8.92 -8.64 13.08
CA GLY A 187 8.16 -9.27 14.15
C GLY A 187 6.70 -9.56 13.82
N LEU A 188 6.33 -9.48 12.55
CA LEU A 188 4.98 -9.86 12.11
C LEU A 188 4.74 -11.37 12.26
N THR A 189 3.57 -11.74 12.76
CA THR A 189 3.20 -13.14 12.83
C THR A 189 1.98 -13.33 11.95
N HIS A 190 1.52 -14.57 11.81
CA HIS A 190 0.32 -14.81 11.03
C HIS A 190 -0.40 -16.05 11.48
N SER A 191 -1.64 -16.14 11.05
CA SER A 191 -2.45 -17.33 11.23
C SER A 191 -3.09 -17.65 9.89
N SER A 192 -3.45 -18.93 9.69
CA SER A 192 -4.03 -19.37 8.43
C SER A 192 -5.53 -19.55 8.57
N MET A 193 -6.26 -19.19 7.51
CA MET A 193 -7.70 -19.41 7.43
C MET A 193 -8.12 -19.55 5.98
N TYR A 201 -5.62 -18.85 3.27
CA TYR A 201 -5.30 -17.43 3.35
C TYR A 201 -4.61 -17.12 4.68
N ARG A 202 -3.57 -16.29 4.63
CA ARG A 202 -2.84 -15.91 5.81
C ARG A 202 -3.18 -14.50 6.25
N VAL A 203 -3.53 -14.35 7.52
CA VAL A 203 -3.80 -13.03 8.11
C VAL A 203 -2.62 -12.65 9.00
N LEU A 204 -2.07 -11.49 8.71
CA LEU A 204 -0.87 -11.01 9.33
C LEU A 204 -1.21 -10.24 10.57
N LYS A 205 -0.37 -10.38 11.59
CA LYS A 205 -0.62 -9.76 12.88
C LYS A 205 0.60 -9.03 13.40
N ALA A 206 0.39 -7.82 13.89
CA ALA A 206 1.39 -7.03 14.59
C ALA A 206 0.87 -6.99 16.01
N GLY A 207 1.46 -7.83 16.86
CA GLY A 207 0.90 -8.13 18.17
C GLY A 207 -0.40 -8.88 18.02
N ASP A 208 -1.46 -8.34 18.62
CA ASP A 208 -2.79 -8.96 18.57
C ASP A 208 -3.66 -8.37 17.45
N ALA A 209 -3.12 -7.42 16.69
CA ALA A 209 -3.91 -6.70 15.70
C ALA A 209 -3.68 -7.32 14.31
N GLU A 210 -4.77 -7.61 13.61
CA GLU A 210 -4.74 -8.04 12.22
C GLU A 210 -4.43 -6.81 11.38
N VAL A 211 -3.40 -6.92 10.53
CA VAL A 211 -2.91 -5.78 9.80
C VAL A 211 -2.77 -5.98 8.28
N GLY A 212 -3.06 -7.18 7.79
CA GLY A 212 -2.93 -7.46 6.38
C GLY A 212 -3.06 -8.93 6.06
N GLY A 213 -2.88 -9.25 4.79
CA GLY A 213 -3.04 -10.63 4.35
C GLY A 213 -1.94 -11.08 3.45
N CYS A 214 -1.97 -12.37 3.12
CA CYS A 214 -0.97 -12.94 2.23
C CYS A 214 -1.53 -14.18 1.57
N MET A 215 -1.39 -14.26 0.26
CA MET A 215 -1.73 -15.48 -0.45
C MET A 215 -0.92 -15.57 -1.74
N GLU A 216 -1.08 -16.67 -2.46
CA GLU A 216 -0.38 -16.88 -3.72
C GLU A 216 -1.07 -16.06 -4.86
N PRO A 217 -0.29 -15.52 -5.81
CA PRO A 217 -0.94 -14.64 -6.80
C PRO A 217 -1.93 -15.37 -7.70
N PRO A 218 -2.85 -14.61 -8.34
CA PRO A 218 -3.99 -15.12 -9.11
C PRO A 218 -3.70 -15.82 -10.44
N MET A 219 -2.54 -15.55 -11.04
CA MET A 219 -2.32 -15.89 -12.44
C MET A 219 -0.81 -15.98 -12.64
N PRO A 220 -0.36 -16.74 -13.65
CA PRO A 220 1.06 -16.64 -13.98
C PRO A 220 1.41 -15.22 -14.43
N GLY A 221 2.67 -14.83 -14.28
CA GLY A 221 3.11 -13.52 -14.79
C GLY A 221 2.80 -12.33 -13.89
N VAL A 222 2.20 -12.60 -12.73
CA VAL A 222 1.99 -11.58 -11.70
C VAL A 222 3.22 -11.67 -10.78
N PRO A 223 4.04 -10.61 -10.73
CA PRO A 223 5.24 -10.66 -9.87
C PRO A 223 4.84 -10.74 -8.41
N ASN A 224 5.71 -11.28 -7.57
CA ASN A 224 5.45 -11.19 -6.15
C ASN A 224 5.48 -9.71 -5.74
N HIS A 225 4.43 -9.28 -5.05
CA HIS A 225 4.31 -7.88 -4.68
C HIS A 225 3.29 -7.66 -3.58
N TRP A 226 3.38 -6.47 -2.96
CA TRP A 226 2.39 -5.98 -2.01
C TRP A 226 1.28 -5.27 -2.76
N HIS A 227 0.10 -5.83 -2.64
CA HIS A 227 -1.07 -5.31 -3.38
C HIS A 227 -1.88 -4.36 -2.50
N VAL A 228 -2.37 -3.27 -3.10
CA VAL A 228 -3.09 -2.22 -2.35
C VAL A 228 -4.60 -2.24 -2.67
N TYR A 229 -5.42 -2.30 -1.62
CA TYR A 229 -6.88 -2.17 -1.69
C TYR A 229 -7.38 -0.89 -1.02
N PHE A 230 -8.23 -0.16 -1.73
CA PHE A 230 -8.96 0.98 -1.20
C PHE A 230 -10.40 0.57 -1.01
N ALA A 231 -11.02 1.12 0.03
CA ALA A 231 -12.41 0.85 0.33
C ALA A 231 -13.32 1.62 -0.60
N VAL A 232 -14.39 0.95 -1.02
CA VAL A 232 -15.45 1.61 -1.80
C VAL A 232 -16.83 1.12 -1.34
N ASP A 233 -17.85 1.91 -1.66
CA ASP A 233 -19.24 1.55 -1.31
C ASP A 233 -19.85 0.52 -2.26
N ASP A 234 -19.33 0.47 -3.49
CA ASP A 234 -19.92 -0.32 -4.57
C ASP A 234 -18.82 -0.64 -5.58
N ALA A 235 -18.27 -1.85 -5.50
CA ALA A 235 -17.15 -2.23 -6.36
C ALA A 235 -17.51 -2.12 -7.85
N ASP A 236 -18.73 -2.50 -8.19
CA ASP A 236 -19.19 -2.52 -9.59
C ASP A 236 -19.25 -1.12 -10.14
N ALA A 237 -19.79 -0.21 -9.34
CA ALA A 237 -19.92 1.20 -9.73
C ALA A 237 -18.54 1.85 -9.92
N THR A 238 -17.63 1.56 -9.00
CA THR A 238 -16.27 2.08 -9.05
C THR A 238 -15.53 1.53 -10.27
N ALA A 239 -15.70 0.23 -10.55
CA ALA A 239 -15.05 -0.37 -11.73
C ALA A 239 -15.50 0.34 -13.01
N ALA A 240 -16.80 0.56 -13.12
CA ALA A 240 -17.38 1.26 -14.27
C ALA A 240 -16.83 2.68 -14.40
N LYS A 241 -16.76 3.36 -13.27
CA LYS A 241 -16.24 4.72 -13.20
C LYS A 241 -14.77 4.77 -13.60
N ALA A 242 -14.00 3.77 -13.17
CA ALA A 242 -12.60 3.67 -13.55
C ALA A 242 -12.42 3.60 -15.08
N ALA A 243 -13.18 2.73 -15.73
CA ALA A 243 -13.07 2.58 -17.18
C ALA A 243 -13.47 3.91 -17.86
N ALA A 244 -14.56 4.49 -17.37
CA ALA A 244 -15.07 5.75 -17.90
C ALA A 244 -14.09 6.92 -17.72
N ALA A 245 -13.27 6.84 -16.69
CA ALA A 245 -12.26 7.85 -16.41
C ALA A 245 -10.93 7.59 -17.12
N GLY A 246 -10.87 6.59 -17.99
CA GLY A 246 -9.67 6.35 -18.77
C GLY A 246 -8.74 5.25 -18.26
N GLY A 247 -9.12 4.65 -17.13
CA GLY A 247 -8.44 3.47 -16.63
C GLY A 247 -8.93 2.19 -17.26
N GLN A 248 -8.63 1.07 -16.60
CA GLN A 248 -9.02 -0.25 -17.12
C GLN A 248 -9.45 -1.16 -16.00
N VAL A 249 -10.41 -2.05 -16.30
CA VAL A 249 -10.81 -3.09 -15.35
C VAL A 249 -9.96 -4.32 -15.64
N ILE A 250 -9.02 -4.62 -14.75
CA ILE A 250 -8.12 -5.76 -14.90
C ILE A 250 -8.79 -7.09 -14.47
N ALA A 251 -9.50 -7.07 -13.36
CA ALA A 251 -10.36 -8.17 -12.96
C ALA A 251 -11.73 -7.59 -12.59
N GLU A 252 -12.75 -8.08 -13.27
CA GLU A 252 -14.11 -7.58 -13.12
C GLU A 252 -14.58 -7.84 -11.69
N PRO A 253 -15.51 -7.02 -11.19
CA PRO A 253 -16.06 -7.22 -9.85
C PRO A 253 -16.46 -8.67 -9.58
N ALA A 254 -16.04 -9.19 -8.44
CA ALA A 254 -16.31 -10.57 -8.07
C ALA A 254 -16.39 -10.68 -6.57
N ASP A 255 -17.13 -11.67 -6.08
CA ASP A 255 -17.28 -11.85 -4.64
C ASP A 255 -16.14 -12.66 -4.06
N ILE A 256 -15.68 -12.24 -2.88
CA ILE A 256 -14.83 -13.05 -2.01
C ILE A 256 -15.72 -13.49 -0.84
N PRO A 257 -16.09 -14.79 -0.80
CA PRO A 257 -16.97 -15.33 0.25
C PRO A 257 -16.67 -14.85 1.67
N SER A 258 -17.72 -14.37 2.34
CA SER A 258 -17.67 -13.87 3.73
C SER A 258 -16.86 -12.59 3.94
N VAL A 259 -16.26 -12.06 2.86
CA VAL A 259 -15.45 -10.84 2.95
C VAL A 259 -16.23 -9.69 2.33
N GLY A 260 -16.56 -9.84 1.05
CA GLY A 260 -17.34 -8.84 0.35
C GLY A 260 -17.16 -8.97 -1.15
N ARG A 261 -16.78 -7.87 -1.80
CA ARG A 261 -16.70 -7.86 -3.27
C ARG A 261 -15.57 -6.91 -3.73
N PHE A 262 -14.80 -7.34 -4.72
CA PHE A 262 -13.60 -6.59 -5.13
C PHE A 262 -13.47 -6.52 -6.65
N ALA A 263 -12.68 -5.57 -7.12
CA ALA A 263 -12.29 -5.49 -8.53
C ALA A 263 -10.83 -5.06 -8.56
N VAL A 264 -10.11 -5.48 -9.58
CA VAL A 264 -8.72 -5.07 -9.76
C VAL A 264 -8.73 -4.10 -10.91
N LEU A 265 -8.15 -2.92 -10.70
CA LEU A 265 -8.24 -1.80 -11.61
C LEU A 265 -6.86 -1.25 -11.96
N SER A 266 -6.80 -0.52 -13.08
CA SER A 266 -5.61 0.24 -13.47
C SER A 266 -6.02 1.68 -13.66
N ASP A 267 -5.20 2.61 -13.19
CA ASP A 267 -5.39 4.01 -13.57
C ASP A 267 -4.94 4.24 -15.03
N PRO A 268 -5.23 5.42 -15.57
CA PRO A 268 -4.97 5.61 -16.99
C PRO A 268 -3.49 5.54 -17.37
N GLN A 269 -2.62 5.68 -16.37
CA GLN A 269 -1.18 5.62 -16.57
C GLN A 269 -0.62 4.20 -16.46
N GLY A 270 -1.42 3.25 -15.94
CA GLY A 270 -1.03 1.84 -15.83
C GLY A 270 -0.82 1.27 -14.43
N ALA A 271 -1.01 2.08 -13.40
CA ALA A 271 -0.82 1.64 -12.01
C ALA A 271 -1.98 0.77 -11.54
N ILE A 272 -1.67 -0.41 -11.01
CA ILE A 272 -2.71 -1.38 -10.63
C ILE A 272 -2.95 -1.38 -9.12
N PHE A 273 -4.22 -1.53 -8.74
CA PHE A 273 -4.65 -1.56 -7.37
C PHE A 273 -6.04 -2.20 -7.40
N SER A 274 -6.57 -2.46 -6.22
CA SER A 274 -7.88 -3.09 -6.12
C SER A 274 -8.77 -2.24 -5.25
N VAL A 275 -10.08 -2.45 -5.41
CA VAL A 275 -11.08 -1.84 -4.58
C VAL A 275 -11.92 -2.92 -3.92
N LEU A 276 -12.35 -2.64 -2.69
CA LEU A 276 -13.00 -3.64 -1.87
C LEU A 276 -14.21 -3.02 -1.18
N LYS A 277 -15.36 -3.64 -1.38
CA LYS A 277 -16.55 -3.39 -0.56
C LYS A 277 -16.67 -4.55 0.43
N ALA A 278 -16.47 -4.24 1.71
CA ALA A 278 -16.51 -5.23 2.80
C ALA A 278 -17.93 -5.43 3.32
N ALA A 279 -18.33 -6.68 3.50
CA ALA A 279 -19.65 -7.00 4.07
C ALA A 279 -19.59 -7.20 5.59
#